data_2A4K
#
_entry.id   2A4K
#
_cell.length_a   55.013
_cell.length_b   91.565
_cell.length_c   54.847
_cell.angle_alpha   90.00
_cell.angle_beta   104.24
_cell.angle_gamma   90.00
#
_symmetry.space_group_name_H-M   'P 1 21 1'
#
loop_
_entity.id
_entity.type
_entity.pdbx_description
1 polymer '3-oxoacyl-[acyl carrier protein] reductase'
2 non-polymer 'UNKNOWN ATOM OR ION'
3 water water
#
_entity_poly.entity_id   1
_entity_poly.type   'polypeptide(L)'
_entity_poly.pdbx_seq_one_letter_code
;MGRLSGKTILVTGAASGIGRAALDLFAREGASLVAVDREERLLAEAVAALEAEAIAVVADVSDPKAVEAVFAEALEEFGR
LHGVAHFAGVAHSALSWNLPLEAWEKVLRVNLTGSFLVARKAGEVLEEGGSLVLTGSVAGLGAFGLAHYAAGKLGVVGLA
RTLALELARKGVRVNVLLPGLIQTPMTAGLPPWAWEQEVGASPLGRAGRPEEVAQAALFLLSEESAYITGQALYVDGGRS
IVGPPGLPPGFGPKGGERHAHVL
;
_entity_poly.pdbx_strand_id   A,B
#
loop_
_chem_comp.id
_chem_comp.type
_chem_comp.name
_chem_comp.formula
UNX non-polymer 'UNKNOWN ATOM OR ION' ?
#
# COMPACT_ATOMS: atom_id res chain seq x y z
N GLY A 2 -6.34 -12.97 13.72
CA GLY A 2 -6.51 -12.22 12.44
C GLY A 2 -5.60 -11.02 12.35
N ARG A 3 -5.53 -10.41 11.17
CA ARG A 3 -4.62 -9.30 10.89
C ARG A 3 -4.97 -8.00 11.62
N LEU A 4 -6.23 -7.88 12.07
CA LEU A 4 -6.67 -6.76 12.92
C LEU A 4 -7.21 -7.21 14.30
N SER A 5 -6.80 -8.38 14.78
CA SER A 5 -7.33 -8.91 16.07
C SER A 5 -7.03 -7.96 17.21
N GLY A 6 -8.01 -7.82 18.12
CA GLY A 6 -7.85 -6.94 19.28
C GLY A 6 -7.89 -5.43 18.98
N LYS A 7 -8.17 -5.07 17.73
CA LYS A 7 -8.23 -3.67 17.33
C LYS A 7 -9.67 -3.24 17.08
N THR A 8 -9.97 -2.01 17.48
CA THR A 8 -11.22 -1.33 17.13
C THR A 8 -10.95 -0.29 16.04
N ILE A 9 -11.76 -0.37 14.99
CA ILE A 9 -11.67 0.47 13.79
C ILE A 9 -12.99 1.23 13.56
N LEU A 10 -12.89 2.54 13.36
CA LEU A 10 -13.99 3.39 12.92
C LEU A 10 -13.89 3.55 11.38
N VAL A 11 -15.01 3.32 10.71
CA VAL A 11 -15.11 3.37 9.26
C VAL A 11 -16.22 4.35 8.85
N THR A 12 -15.84 5.45 8.19
CA THR A 12 -16.85 6.34 7.60
C THR A 12 -17.16 5.89 6.17
N GLY A 13 -18.28 6.34 5.62
CA GLY A 13 -18.77 5.84 4.30
C GLY A 13 -18.95 4.33 4.30
N ALA A 14 -19.37 3.78 5.44
CA ALA A 14 -19.49 2.31 5.68
C ALA A 14 -20.62 1.59 4.94
N ALA A 15 -21.61 2.34 4.45
CA ALA A 15 -22.67 1.74 3.62
C ALA A 15 -22.34 1.75 2.10
N SER A 16 -21.38 2.57 1.67
CA SER A 16 -20.94 2.64 0.24
C SER A 16 -20.29 1.33 -0.18
N GLY A 17 -20.01 1.18 -1.48
CA GLY A 17 -19.36 0.01 -2.03
C GLY A 17 -18.03 -0.34 -1.38
N ILE A 18 -17.08 0.59 -1.46
CA ILE A 18 -15.76 0.43 -0.83
C ILE A 18 -15.84 0.32 0.69
N GLY A 19 -16.59 1.23 1.32
CA GLY A 19 -16.79 1.20 2.77
C GLY A 19 -17.34 -0.13 3.27
N ARG A 20 -18.34 -0.68 2.56
CA ARG A 20 -18.96 -1.96 2.92
C ARG A 20 -18.03 -3.18 2.72
N ALA A 21 -17.26 -3.18 1.64
CA ALA A 21 -16.22 -4.20 1.44
C ALA A 21 -15.16 -4.09 2.55
N ALA A 22 -14.89 -2.89 3.06
CA ALA A 22 -13.94 -2.77 4.18
C ALA A 22 -14.51 -3.33 5.50
N LEU A 23 -15.77 -2.99 5.80
CA LEU A 23 -16.46 -3.57 6.98
C LEU A 23 -16.36 -5.09 7.01
N ASP A 24 -16.63 -5.73 5.88
CA ASP A 24 -16.65 -7.19 5.75
C ASP A 24 -15.26 -7.77 5.92
N LEU A 25 -14.26 -7.14 5.28
CA LEU A 25 -12.86 -7.59 5.37
C LEU A 25 -12.29 -7.40 6.77
N PHE A 26 -12.49 -6.22 7.37
CA PHE A 26 -11.98 -5.94 8.73
C PHE A 26 -12.63 -6.88 9.78
N ALA A 27 -13.94 -7.12 9.64
CA ALA A 27 -14.65 -8.10 10.46
C ALA A 27 -14.06 -9.50 10.33
N ARG A 28 -13.85 -9.97 9.09
CA ARG A 28 -13.20 -11.28 8.85
C ARG A 28 -11.81 -11.39 9.46
N GLU A 29 -11.13 -10.24 9.63
CA GLU A 29 -9.79 -10.19 10.23
C GLU A 29 -9.75 -9.89 11.73
N GLY A 30 -10.91 -9.91 12.39
CA GLY A 30 -10.93 -9.87 13.85
C GLY A 30 -11.16 -8.52 14.50
N ALA A 31 -11.31 -7.47 13.68
CA ALA A 31 -11.55 -6.11 14.19
C ALA A 31 -12.95 -5.99 14.79
N SER A 32 -13.08 -5.13 15.80
CA SER A 32 -14.42 -4.66 16.23
C SER A 32 -14.65 -3.28 15.61
N LEU A 33 -15.91 -2.94 15.31
CA LEU A 33 -16.19 -1.88 14.36
C LEU A 33 -17.27 -0.87 14.79
N VAL A 34 -17.00 0.40 14.49
CA VAL A 34 -17.94 1.49 14.59
C VAL A 34 -18.22 1.90 13.14
N ALA A 35 -19.37 1.50 12.60
CA ALA A 35 -19.70 1.76 11.20
C ALA A 35 -20.55 3.03 11.10
N VAL A 36 -20.02 4.01 10.35
CA VAL A 36 -20.62 5.33 10.22
C VAL A 36 -20.98 5.69 8.77
N ASP A 37 -22.21 6.19 8.60
CA ASP A 37 -22.73 6.65 7.31
C ASP A 37 -23.97 7.52 7.51
N ARG A 38 -24.34 8.27 6.46
CA ARG A 38 -25.53 9.14 6.44
C ARG A 38 -26.83 8.40 6.15
N GLU A 39 -26.79 7.42 5.25
CA GLU A 39 -27.98 6.63 4.88
C GLU A 39 -28.26 5.52 5.90
N GLU A 40 -29.33 5.70 6.68
CA GLU A 40 -29.71 4.82 7.78
C GLU A 40 -30.07 3.38 7.39
N ARG A 41 -30.97 3.22 6.41
CA ARG A 41 -31.45 1.89 6.01
C ARG A 41 -30.36 1.06 5.35
N LEU A 42 -29.50 1.71 4.59
CA LEU A 42 -28.35 1.07 3.96
C LEU A 42 -27.29 0.65 4.99
N LEU A 43 -27.11 1.47 6.03
CA LEU A 43 -26.16 1.18 7.11
C LEU A 43 -26.66 0.10 8.08
N ALA A 44 -27.96 0.12 8.36
CA ALA A 44 -28.58 -0.87 9.25
C ALA A 44 -28.47 -2.28 8.68
N GLU A 45 -28.72 -2.39 7.37
CA GLU A 45 -28.65 -3.67 6.66
C GLU A 45 -27.21 -4.21 6.58
N ALA A 46 -26.29 -3.32 6.19
CA ALA A 46 -24.87 -3.61 6.09
C ALA A 46 -24.28 -4.18 7.39
N VAL A 47 -24.61 -3.54 8.51
CA VAL A 47 -24.08 -3.95 9.83
C VAL A 47 -24.70 -5.27 10.35
N ALA A 48 -26.01 -5.44 10.10
CA ALA A 48 -26.75 -6.62 10.55
C ALA A 48 -26.16 -7.92 9.99
N ALA A 49 -25.68 -7.85 8.75
CA ALA A 49 -25.08 -9.00 8.05
C ALA A 49 -23.69 -9.40 8.58
N LEU A 50 -23.01 -8.51 9.30
CA LEU A 50 -21.68 -8.80 9.85
C LEU A 50 -21.80 -9.76 11.03
N GLU A 51 -20.79 -10.60 11.22
CA GLU A 51 -20.75 -11.50 12.36
C GLU A 51 -19.64 -11.05 13.32
N ALA A 52 -19.60 -9.75 13.57
CA ALA A 52 -18.56 -9.15 14.39
C ALA A 52 -19.17 -8.26 15.47
N GLU A 53 -18.34 -7.89 16.44
CA GLU A 53 -18.69 -6.85 17.42
C GLU A 53 -18.75 -5.56 16.66
N ALA A 54 -19.95 -4.98 16.56
CA ALA A 54 -20.14 -3.78 15.77
C ALA A 54 -21.34 -2.95 16.22
N ILE A 55 -21.17 -1.62 16.23
CA ILE A 55 -22.28 -0.69 16.37
C ILE A 55 -22.41 0.14 15.08
N ALA A 56 -23.63 0.56 14.77
CA ALA A 56 -23.94 1.40 13.62
C ALA A 56 -24.34 2.77 14.13
N VAL A 57 -23.76 3.81 13.53
CA VAL A 57 -24.08 5.19 13.91
C VAL A 57 -24.39 6.04 12.66
N VAL A 58 -25.63 6.53 12.60
CA VAL A 58 -26.09 7.47 11.56
C VAL A 58 -25.58 8.87 11.88
N ALA A 59 -24.75 9.44 10.99
CA ALA A 59 -24.13 10.75 11.20
C ALA A 59 -23.65 11.34 9.88
N ASP A 60 -23.63 12.68 9.81
CA ASP A 60 -23.07 13.47 8.70
C ASP A 60 -21.70 13.95 9.15
N VAL A 61 -20.63 13.39 8.57
CA VAL A 61 -19.26 13.76 9.01
C VAL A 61 -18.77 15.15 8.54
N SER A 62 -19.59 15.90 7.79
CA SER A 62 -19.28 17.31 7.56
C SER A 62 -19.81 18.20 8.70
N ASP A 63 -20.60 17.62 9.60
CA ASP A 63 -21.10 18.33 10.79
C ASP A 63 -20.16 18.11 11.99
N PRO A 64 -19.47 19.18 12.46
CA PRO A 64 -18.52 19.08 13.56
C PRO A 64 -19.08 18.46 14.85
N LYS A 65 -20.38 18.66 15.12
CA LYS A 65 -21.02 18.11 16.33
C LYS A 65 -21.39 16.63 16.17
N ALA A 66 -21.73 16.22 14.95
CA ALA A 66 -21.92 14.80 14.63
C ALA A 66 -20.61 14.01 14.79
N VAL A 67 -19.49 14.58 14.33
CA VAL A 67 -18.13 14.00 14.46
C VAL A 67 -17.72 13.82 15.92
N GLU A 68 -17.89 14.85 16.75
CA GLU A 68 -17.59 14.75 18.19
C GLU A 68 -18.41 13.62 18.82
N ALA A 69 -19.70 13.57 18.49
CA ALA A 69 -20.62 12.56 19.01
C ALA A 69 -20.26 11.14 18.55
N VAL A 70 -19.97 10.95 17.27
CA VAL A 70 -19.62 9.59 16.78
C VAL A 70 -18.33 9.04 17.42
N PHE A 71 -17.33 9.89 17.61
CA PHE A 71 -16.12 9.48 18.32
C PHE A 71 -16.36 9.22 19.81
N ALA A 72 -17.24 9.99 20.45
CA ALA A 72 -17.58 9.80 21.86
C ALA A 72 -18.29 8.47 22.07
N GLU A 73 -19.22 8.17 21.16
CA GLU A 73 -19.94 6.91 21.14
C GLU A 73 -19.01 5.71 20.96
N ALA A 74 -18.04 5.84 20.05
CA ALA A 74 -17.02 4.81 19.81
C ALA A 74 -16.20 4.47 21.05
N LEU A 75 -15.78 5.49 21.80
CA LEU A 75 -15.02 5.28 23.05
C LEU A 75 -15.87 4.69 24.19
N GLU A 76 -17.12 5.15 24.32
CA GLU A 76 -18.04 4.65 25.34
C GLU A 76 -18.35 3.18 25.12
N GLU A 77 -18.48 2.78 23.87
CA GLU A 77 -18.72 1.38 23.50
C GLU A 77 -17.49 0.50 23.70
N PHE A 78 -16.33 0.93 23.17
CA PHE A 78 -15.14 0.05 23.09
C PHE A 78 -13.89 0.44 23.95
N GLY A 79 -13.94 1.56 24.65
CA GLY A 79 -12.84 1.96 25.54
C GLY A 79 -11.67 2.70 24.87
N ARG A 80 -11.16 2.13 23.77
CA ARG A 80 -10.08 2.74 22.98
C ARG A 80 -10.23 2.51 21.45
N LEU A 81 -9.55 3.34 20.66
CA LEU A 81 -9.64 3.31 19.22
C LEU A 81 -8.26 3.13 18.60
N HIS A 82 -8.13 2.17 17.68
CA HIS A 82 -6.84 1.84 17.06
C HIS A 82 -6.70 2.32 15.61
N GLY A 83 -7.82 2.47 14.90
CA GLY A 83 -7.76 2.96 13.51
C GLY A 83 -9.01 3.65 13.00
N VAL A 84 -8.81 4.48 11.99
CA VAL A 84 -9.90 5.17 11.30
C VAL A 84 -9.65 5.06 9.80
N ALA A 85 -10.63 4.49 9.10
CA ALA A 85 -10.63 4.39 7.65
C ALA A 85 -11.74 5.31 7.13
N HIS A 86 -11.33 6.48 6.64
CA HIS A 86 -12.26 7.52 6.21
C HIS A 86 -12.67 7.38 4.75
N PHE A 87 -13.58 6.46 4.46
CA PHE A 87 -14.04 6.29 3.06
C PHE A 87 -15.07 7.33 2.61
N ALA A 88 -15.62 8.13 3.53
CA ALA A 88 -16.51 9.26 3.19
C ALA A 88 -15.75 10.32 2.39
N GLY A 89 -14.42 10.27 2.43
CA GLY A 89 -13.54 11.16 1.65
C GLY A 89 -13.70 10.99 0.16
N VAL A 90 -14.29 9.89 -0.27
CA VAL A 90 -14.64 9.69 -1.69
C VAL A 90 -16.16 9.51 -1.92
N ALA A 91 -16.98 9.90 -0.95
CA ALA A 91 -18.45 9.85 -1.11
C ALA A 91 -18.88 10.64 -2.36
N HIS A 92 -19.82 10.06 -3.09
CA HIS A 92 -20.45 10.63 -4.30
C HIS A 92 -19.47 10.83 -5.45
N SER A 93 -18.45 9.97 -5.47
CA SER A 93 -17.39 9.94 -6.50
C SER A 93 -17.94 9.87 -7.93
N ALA A 94 -18.83 8.89 -8.17
CA ALA A 94 -19.46 8.71 -9.48
C ALA A 94 -20.68 9.62 -9.68
N LEU A 95 -20.70 10.76 -8.98
CA LEU A 95 -21.79 11.76 -9.04
C LEU A 95 -23.17 11.14 -8.80
N PRO A 100 -22.05 18.52 -13.68
CA PRO A 100 -22.10 19.98 -13.73
C PRO A 100 -21.09 20.60 -12.77
N LEU A 101 -20.02 21.19 -13.34
CA LEU A 101 -18.92 21.81 -12.60
C LEU A 101 -19.27 22.38 -11.20
N GLU A 102 -20.40 23.09 -11.13
CA GLU A 102 -20.90 23.71 -9.90
C GLU A 102 -21.21 22.68 -8.81
N ALA A 103 -21.96 21.65 -9.19
CA ALA A 103 -22.33 20.54 -8.30
C ALA A 103 -21.13 19.66 -7.95
N TRP A 104 -20.19 19.53 -8.88
CA TRP A 104 -18.96 18.78 -8.70
C TRP A 104 -18.04 19.47 -7.67
N GLU A 105 -17.97 20.80 -7.72
CA GLU A 105 -17.13 21.56 -6.79
C GLU A 105 -17.63 21.46 -5.34
N LYS A 106 -18.96 21.55 -5.15
CA LYS A 106 -19.55 21.46 -3.81
C LYS A 106 -19.35 20.07 -3.20
N VAL A 107 -19.39 19.02 -4.01
CA VAL A 107 -19.09 17.65 -3.58
C VAL A 107 -17.65 17.56 -3.07
N LEU A 108 -16.71 18.10 -3.83
CA LEU A 108 -15.29 18.11 -3.42
C LEU A 108 -15.06 18.97 -2.17
N ARG A 109 -15.70 20.13 -2.14
CA ARG A 109 -15.59 21.06 -1.01
C ARG A 109 -16.11 20.44 0.30
N VAL A 110 -17.32 19.89 0.26
CA VAL A 110 -17.96 19.21 1.39
C VAL A 110 -17.18 17.97 1.84
N ASN A 111 -16.65 17.21 0.88
CA ASN A 111 -15.81 16.05 1.20
C ASN A 111 -14.53 16.46 1.93
N LEU A 112 -13.93 17.57 1.51
CA LEU A 112 -12.71 18.08 2.14
C LEU A 112 -13.00 18.55 3.58
N THR A 113 -14.17 19.17 3.78
CA THR A 113 -14.62 19.54 5.12
C THR A 113 -14.69 18.33 6.04
N GLY A 114 -15.33 17.25 5.58
CA GLY A 114 -15.45 16.00 6.36
C GLY A 114 -14.09 15.39 6.69
N SER A 115 -13.14 15.47 5.74
CA SER A 115 -11.77 14.93 5.89
C SER A 115 -10.99 15.68 6.95
N PHE A 116 -11.13 17.00 6.96
CA PHE A 116 -10.54 17.85 7.98
C PHE A 116 -11.03 17.45 9.37
N LEU A 117 -12.34 17.33 9.54
CA LEU A 117 -12.95 17.12 10.86
C LEU A 117 -12.69 15.72 11.40
N VAL A 118 -12.80 14.72 10.53
CA VAL A 118 -12.53 13.33 10.96
C VAL A 118 -11.02 13.16 11.31
N ALA A 119 -10.16 13.73 10.46
CA ALA A 119 -8.70 13.70 10.69
C ALA A 119 -8.27 14.32 12.00
N ARG A 120 -8.81 15.51 12.33
CA ARG A 120 -8.47 16.20 13.59
C ARG A 120 -8.95 15.45 14.80
N LYS A 121 -10.20 14.98 14.76
CA LYS A 121 -10.74 14.22 15.89
C LYS A 121 -10.03 12.87 16.05
N ALA A 122 -9.76 12.17 14.94
CA ALA A 122 -9.00 10.93 15.00
C ALA A 122 -7.62 11.21 15.62
N GLY A 123 -7.00 12.32 15.22
CA GLY A 123 -5.74 12.74 15.79
C GLY A 123 -5.77 12.90 17.31
N GLU A 124 -6.88 13.42 17.82
CA GLU A 124 -7.05 13.60 19.27
C GLU A 124 -7.20 12.30 20.03
N VAL A 125 -7.98 11.35 19.49
CA VAL A 125 -8.41 10.16 20.27
C VAL A 125 -7.62 8.87 20.00
N LEU A 126 -6.99 8.79 18.83
CA LEU A 126 -6.15 7.65 18.49
C LEU A 126 -4.97 7.56 19.44
N GLU A 127 -4.66 6.35 19.88
CA GLU A 127 -3.55 6.21 20.81
C GLU A 127 -2.27 5.87 20.09
N GLU A 128 -1.18 5.82 20.84
CA GLU A 128 0.15 5.48 20.33
C GLU A 128 0.09 4.25 19.43
N GLY A 129 0.71 4.35 18.24
CA GLY A 129 0.73 3.28 17.25
C GLY A 129 -0.52 3.21 16.36
N GLY A 130 -1.46 4.13 16.58
CA GLY A 130 -2.70 4.17 15.79
C GLY A 130 -2.52 4.58 14.34
N SER A 131 -3.58 4.42 13.55
CA SER A 131 -3.50 4.59 12.11
C SER A 131 -4.76 5.24 11.53
N LEU A 132 -4.59 6.43 10.97
CA LEU A 132 -5.64 7.15 10.26
C LEU A 132 -5.44 7.03 8.73
N VAL A 133 -6.43 6.48 8.04
CA VAL A 133 -6.37 6.32 6.57
C VAL A 133 -7.36 7.29 5.94
N LEU A 134 -6.83 8.29 5.25
CA LEU A 134 -7.66 9.24 4.51
C LEU A 134 -7.84 8.72 3.08
N THR A 135 -8.73 9.34 2.31
CA THR A 135 -8.94 8.93 0.93
C THR A 135 -9.09 10.12 -0.03
N GLY A 136 -8.80 9.89 -1.30
CA GLY A 136 -9.05 10.86 -2.39
C GLY A 136 -9.17 10.04 -3.66
N SER A 137 -9.81 10.58 -4.70
CA SER A 137 -10.06 9.87 -5.96
C SER A 137 -9.26 10.48 -7.10
N VAL A 138 -8.55 9.62 -7.83
CA VAL A 138 -7.78 10.04 -9.02
C VAL A 138 -8.41 9.57 -10.35
N ALA A 139 -9.65 9.07 -10.27
CA ALA A 139 -10.46 8.72 -11.43
C ALA A 139 -10.88 9.98 -12.20
N GLY A 140 -10.79 9.93 -13.53
CA GLY A 140 -11.16 11.04 -14.42
C GLY A 140 -10.28 12.29 -14.42
N LEU A 141 -9.09 12.26 -13.81
CA LEU A 141 -8.23 13.45 -13.73
C LEU A 141 -7.38 13.66 -14.97
N GLY A 142 -7.15 14.93 -15.35
CA GLY A 142 -6.18 15.30 -16.39
C GLY A 142 -4.87 15.81 -15.78
N ALA A 143 -4.00 16.37 -16.63
CA ALA A 143 -2.65 16.86 -16.29
C ALA A 143 -2.53 17.68 -15.01
N PHE A 144 -3.45 18.62 -14.80
CA PHE A 144 -3.40 19.49 -13.62
C PHE A 144 -3.93 18.82 -12.34
N GLY A 145 -4.96 17.99 -12.49
CA GLY A 145 -5.48 17.20 -11.39
C GLY A 145 -4.40 16.31 -10.79
N LEU A 146 -3.65 15.65 -11.69
CA LEU A 146 -2.55 14.76 -11.34
C LEU A 146 -1.38 15.52 -10.70
N ALA A 147 -1.05 16.71 -11.23
CA ALA A 147 0.00 17.54 -10.65
C ALA A 147 -0.35 17.95 -9.23
N HIS A 148 -1.64 18.29 -8.99
CA HIS A 148 -2.15 18.64 -7.66
C HIS A 148 -1.92 17.49 -6.66
N TYR A 149 -2.23 16.26 -7.07
CA TYR A 149 -1.97 15.08 -6.22
C TYR A 149 -0.47 14.79 -6.09
N ALA A 150 0.23 14.71 -7.22
CA ALA A 150 1.67 14.46 -7.21
C ALA A 150 2.48 15.44 -6.35
N ALA A 151 2.15 16.73 -6.39
CA ALA A 151 2.91 17.75 -5.60
C ALA A 151 2.81 17.57 -4.06
N GLY A 152 1.66 17.08 -3.60
CA GLY A 152 1.45 16.77 -2.18
C GLY A 152 1.39 17.92 -1.20
N LYS A 153 1.30 19.15 -1.71
CA LYS A 153 1.24 20.37 -0.91
C LYS A 153 -0.15 20.74 -0.42
N LEU A 154 -1.17 20.52 -1.25
CA LEU A 154 -2.55 20.95 -0.99
C LEU A 154 -3.58 19.81 -0.99
N GLY A 155 -4.86 20.15 -0.80
CA GLY A 155 -5.94 19.14 -0.77
C GLY A 155 -5.68 18.03 0.25
N VAL A 156 -6.24 16.85 0.00
CA VAL A 156 -6.15 15.72 0.96
C VAL A 156 -4.71 15.23 1.25
N VAL A 157 -3.84 15.24 0.24
CA VAL A 157 -2.46 14.79 0.43
C VAL A 157 -1.66 15.76 1.31
N GLY A 158 -1.88 17.06 1.10
CA GLY A 158 -1.34 18.12 1.96
C GLY A 158 -1.79 17.96 3.40
N LEU A 159 -3.10 17.78 3.61
CA LEU A 159 -3.63 17.51 4.95
C LEU A 159 -2.92 16.32 5.64
N ALA A 160 -2.94 15.16 4.99
CA ALA A 160 -2.31 13.93 5.51
C ALA A 160 -0.81 14.08 5.83
N ARG A 161 -0.08 14.73 4.94
CA ARG A 161 1.35 14.93 5.14
C ARG A 161 1.65 15.90 6.29
N THR A 162 0.85 16.96 6.41
CA THR A 162 0.91 17.92 7.53
C THR A 162 0.53 17.23 8.84
N LEU A 163 -0.55 16.47 8.86
CA LEU A 163 -0.95 15.73 10.07
C LEU A 163 0.07 14.64 10.47
N ALA A 164 0.60 13.92 9.49
CA ALA A 164 1.63 12.89 9.73
C ALA A 164 2.79 13.45 10.58
N LEU A 165 3.28 14.65 10.21
CA LEU A 165 4.33 15.34 10.95
C LEU A 165 3.93 15.74 12.39
N GLU A 166 2.70 16.23 12.52
CA GLU A 166 2.20 16.69 13.82
C GLU A 166 1.92 15.55 14.80
N LEU A 167 1.37 14.43 14.30
CA LEU A 167 0.96 13.26 15.12
C LEU A 167 2.03 12.19 15.34
N ALA A 168 3.13 12.29 14.60
CA ALA A 168 4.26 11.36 14.71
C ALA A 168 4.84 11.29 16.15
N ARG A 169 4.74 12.39 16.90
CA ARG A 169 5.23 12.40 18.29
C ARG A 169 4.38 11.49 19.18
N LYS A 170 3.07 11.54 18.99
CA LYS A 170 2.11 10.65 19.64
C LYS A 170 2.19 9.20 19.11
N GLY A 171 2.99 8.98 18.06
CA GLY A 171 3.12 7.66 17.42
C GLY A 171 2.02 7.30 16.39
N VAL A 172 1.18 8.28 16.03
CA VAL A 172 0.07 8.05 15.10
C VAL A 172 0.51 8.21 13.63
N ARG A 173 0.21 7.20 12.82
CA ARG A 173 0.47 7.23 11.38
C ARG A 173 -0.70 7.82 10.58
N VAL A 174 -0.37 8.56 9.52
CA VAL A 174 -1.39 9.12 8.63
C VAL A 174 -0.93 8.90 7.20
N ASN A 175 -1.83 8.27 6.43
CA ASN A 175 -1.58 7.92 5.04
C ASN A 175 -2.84 8.19 4.25
N VAL A 176 -2.70 8.25 2.93
CA VAL A 176 -3.88 8.43 2.07
C VAL A 176 -3.95 7.40 0.93
N LEU A 177 -5.16 6.87 0.71
CA LEU A 177 -5.49 5.97 -0.35
C LEU A 177 -6.12 6.75 -1.50
N LEU A 178 -5.57 6.56 -2.71
CA LEU A 178 -6.07 7.22 -3.92
C LEU A 178 -6.62 6.18 -4.92
N PRO A 179 -7.87 5.70 -4.71
CA PRO A 179 -8.43 4.75 -5.71
C PRO A 179 -8.63 5.42 -7.07
N GLY A 180 -8.44 4.65 -8.14
CA GLY A 180 -8.79 5.12 -9.50
C GLY A 180 -10.23 4.78 -9.82
N LEU A 181 -10.44 4.10 -10.94
CA LEU A 181 -11.78 3.61 -11.31
C LEU A 181 -12.10 2.32 -10.56
N ILE A 182 -13.13 2.34 -9.73
CA ILE A 182 -13.51 1.19 -8.92
C ILE A 182 -14.94 0.81 -9.28
N GLN A 183 -15.17 -0.46 -9.60
CA GLN A 183 -16.50 -0.96 -9.96
C GLN A 183 -17.46 -1.14 -8.75
N THR A 184 -18.16 -0.06 -8.37
CA THR A 184 -19.21 -0.11 -7.33
C THR A 184 -20.59 -0.07 -8.00
N PRO A 185 -21.70 -0.31 -7.23
CA PRO A 185 -23.03 -0.27 -7.86
C PRO A 185 -23.40 1.09 -8.47
N MET A 186 -23.00 2.18 -7.82
CA MET A 186 -23.21 3.54 -8.32
C MET A 186 -22.47 3.87 -9.64
N THR A 187 -21.52 3.02 -10.05
CA THR A 187 -20.79 3.19 -11.32
C THR A 187 -21.52 2.57 -12.50
N ALA A 188 -22.54 1.76 -12.22
CA ALA A 188 -23.39 1.12 -13.25
C ALA A 188 -24.09 2.17 -14.10
N GLY A 189 -24.62 3.22 -13.45
CA GLY A 189 -25.24 4.34 -14.14
C GLY A 189 -24.27 5.32 -14.79
N LEU A 190 -23.17 4.80 -15.35
CA LEU A 190 -22.25 5.61 -16.15
C LEU A 190 -22.46 5.32 -17.62
N PRO A 191 -22.40 6.36 -18.46
CA PRO A 191 -22.40 6.06 -19.89
C PRO A 191 -21.19 5.19 -20.22
N PRO A 192 -21.39 4.08 -20.96
CA PRO A 192 -20.31 3.17 -21.40
C PRO A 192 -19.09 3.85 -22.06
N TRP A 193 -19.30 4.92 -22.81
CA TRP A 193 -18.20 5.67 -23.45
C TRP A 193 -17.24 6.26 -22.40
N ALA A 194 -17.80 6.71 -21.26
CA ALA A 194 -17.01 7.30 -20.16
C ALA A 194 -16.27 6.23 -19.34
N TRP A 195 -16.95 5.14 -19.04
CA TRP A 195 -16.36 3.95 -18.44
C TRP A 195 -15.14 3.44 -19.25
N GLU A 196 -15.30 3.32 -20.56
CA GLU A 196 -14.22 2.86 -21.47
C GLU A 196 -13.09 3.84 -21.63
N GLN A 197 -13.41 5.14 -21.66
CA GLN A 197 -12.40 6.18 -21.67
C GLN A 197 -11.49 5.99 -20.44
N GLU A 198 -12.10 5.75 -19.27
CA GLU A 198 -11.37 5.54 -18.00
C GLU A 198 -10.59 4.23 -17.91
N VAL A 199 -11.17 3.12 -18.40
CA VAL A 199 -10.47 1.82 -18.49
C VAL A 199 -9.26 2.00 -19.41
N GLY A 200 -9.49 2.58 -20.59
CA GLY A 200 -8.43 2.90 -21.56
C GLY A 200 -7.29 3.78 -21.05
N ALA A 201 -7.55 4.57 -19.99
CA ALA A 201 -6.50 5.43 -19.38
C ALA A 201 -5.62 4.72 -18.30
N SER A 202 -6.04 3.53 -17.88
CA SER A 202 -5.34 2.72 -16.89
C SER A 202 -4.52 1.62 -17.58
N PRO A 203 -3.17 1.69 -17.49
CA PRO A 203 -2.27 0.69 -18.13
C PRO A 203 -2.69 -0.78 -17.91
N LEU A 204 -3.13 -1.14 -16.70
CA LEU A 204 -3.59 -2.51 -16.44
C LEU A 204 -4.88 -2.93 -17.21
N GLY A 205 -5.53 -1.97 -17.86
CA GLY A 205 -6.69 -2.27 -18.72
C GLY A 205 -7.95 -2.85 -18.11
N ARG A 206 -8.29 -2.41 -16.89
CA ARG A 206 -9.52 -2.79 -16.19
C ARG A 206 -9.84 -1.81 -15.05
N ALA A 207 -11.06 -1.93 -14.52
CA ALA A 207 -11.49 -1.25 -13.31
C ALA A 207 -10.99 -2.01 -12.09
N GLY A 208 -10.78 -1.30 -10.97
CA GLY A 208 -10.47 -1.95 -9.69
C GLY A 208 -11.73 -2.49 -9.04
N ARG A 209 -11.59 -3.42 -8.10
CA ARG A 209 -12.72 -3.92 -7.28
C ARG A 209 -12.73 -3.26 -5.90
N PRO A 210 -13.93 -3.05 -5.28
CA PRO A 210 -14.03 -2.50 -3.92
C PRO A 210 -13.12 -3.19 -2.88
N GLU A 211 -13.05 -4.52 -2.98
CA GLU A 211 -12.24 -5.39 -2.13
C GLU A 211 -10.74 -5.06 -2.19
N GLU A 212 -10.27 -4.59 -3.36
CA GLU A 212 -8.84 -4.28 -3.55
C GLU A 212 -8.46 -3.00 -2.81
N VAL A 213 -9.36 -2.03 -2.80
CA VAL A 213 -9.16 -0.78 -2.05
C VAL A 213 -9.21 -1.10 -0.54
N ALA A 214 -10.09 -2.03 -0.15
CA ALA A 214 -10.21 -2.48 1.24
C ALA A 214 -8.95 -3.20 1.74
N GLN A 215 -8.30 -3.99 0.86
CA GLN A 215 -7.05 -4.66 1.20
C GLN A 215 -5.90 -3.63 1.38
N ALA A 216 -5.89 -2.56 0.57
CA ALA A 216 -4.86 -1.53 0.72
C ALA A 216 -5.02 -0.82 2.08
N ALA A 217 -6.26 -0.54 2.46
CA ALA A 217 -6.58 0.07 3.74
C ALA A 217 -6.21 -0.85 4.90
N LEU A 218 -6.49 -2.15 4.79
CA LEU A 218 -6.15 -3.12 5.84
C LEU A 218 -4.65 -3.15 6.09
N PHE A 219 -3.87 -3.11 5.01
CA PHE A 219 -2.39 -3.03 5.11
C PHE A 219 -1.98 -1.79 5.90
N LEU A 220 -2.58 -0.66 5.55
CA LEU A 220 -2.28 0.62 6.21
C LEU A 220 -2.77 0.73 7.68
N LEU A 221 -3.82 0.00 8.05
CA LEU A 221 -4.31 0.01 9.43
C LEU A 221 -3.62 -1.03 10.34
N SER A 222 -3.15 -2.13 9.77
CA SER A 222 -2.53 -3.24 10.53
C SER A 222 -1.10 -2.91 10.95
N GLU A 223 -0.52 -3.78 11.77
CA GLU A 223 0.87 -3.58 12.29
C GLU A 223 1.98 -3.87 11.26
N GLU A 224 1.57 -4.37 10.11
CA GLU A 224 2.49 -4.67 9.02
C GLU A 224 2.99 -3.41 8.30
N SER A 225 2.38 -2.27 8.59
CA SER A 225 2.82 -1.00 8.04
C SER A 225 3.14 0.00 9.16
N ALA A 226 3.65 -0.50 10.29
CA ALA A 226 3.95 0.35 11.47
C ALA A 226 5.01 1.43 11.23
N TYR A 227 5.84 1.30 10.21
CA TYR A 227 6.88 2.32 9.97
C TYR A 227 6.57 3.23 8.76
N ILE A 228 5.30 3.24 8.34
CA ILE A 228 4.88 3.95 7.14
C ILE A 228 3.89 5.10 7.48
N THR A 229 4.30 6.33 7.16
CA THR A 229 3.47 7.50 7.37
C THR A 229 3.78 8.60 6.34
N GLY A 230 2.79 9.45 6.06
CA GLY A 230 2.88 10.49 5.03
C GLY A 230 2.77 10.03 3.57
N GLN A 231 2.32 8.79 3.35
CA GLN A 231 2.32 8.20 2.00
C GLN A 231 0.99 8.29 1.25
N ALA A 232 1.06 8.56 -0.04
CA ALA A 232 -0.09 8.49 -0.93
C ALA A 232 0.03 7.21 -1.73
N LEU A 233 -0.92 6.31 -1.47
CA LEU A 233 -0.94 4.99 -2.11
C LEU A 233 -2.06 4.95 -3.15
N TYR A 234 -1.63 4.91 -4.41
CA TYR A 234 -2.48 4.88 -5.58
C TYR A 234 -2.96 3.46 -5.91
N VAL A 235 -4.29 3.25 -5.91
CA VAL A 235 -4.92 1.97 -6.28
C VAL A 235 -5.73 2.26 -7.55
N ASP A 236 -4.99 2.41 -8.67
CA ASP A 236 -5.52 2.98 -9.92
C ASP A 236 -5.04 2.25 -11.20
N GLY A 237 -4.39 1.10 -11.02
CA GLY A 237 -3.82 0.31 -12.10
C GLY A 237 -2.79 1.07 -12.91
N GLY A 238 -2.15 2.06 -12.31
CA GLY A 238 -1.11 2.83 -13.00
C GLY A 238 -1.59 4.05 -13.76
N ARG A 239 -2.85 4.45 -13.52
CA ARG A 239 -3.50 5.51 -14.30
C ARG A 239 -2.75 6.83 -14.18
N SER A 240 -2.23 7.10 -12.98
CA SER A 240 -1.57 8.37 -12.66
C SER A 240 -0.10 8.45 -13.10
N ILE A 241 0.50 7.34 -13.53
CA ILE A 241 1.90 7.37 -13.95
C ILE A 241 2.08 8.39 -15.09
N VAL A 242 1.27 8.28 -16.13
CA VAL A 242 1.32 9.23 -17.25
C VAL A 242 -0.08 9.68 -17.69
N ARG B 3 -0.55 -16.29 2.20
CA ARG B 3 -0.52 -15.02 1.38
C ARG B 3 0.36 -15.14 0.13
N LEU B 4 1.38 -16.01 0.18
CA LEU B 4 2.18 -16.33 -1.02
C LEU B 4 2.13 -17.82 -1.44
N SER B 5 1.18 -18.58 -0.90
CA SER B 5 1.04 -20.02 -1.22
C SER B 5 0.96 -20.26 -2.74
N GLY B 6 1.71 -21.23 -3.23
CA GLY B 6 1.74 -21.56 -4.65
C GLY B 6 2.71 -20.76 -5.50
N LYS B 7 3.32 -19.72 -4.93
CA LYS B 7 4.16 -18.79 -5.72
C LYS B 7 5.66 -18.99 -5.56
N THR B 8 6.38 -18.72 -6.64
CA THR B 8 7.82 -18.70 -6.64
C THR B 8 8.28 -17.26 -6.71
N ILE B 9 9.10 -16.85 -5.74
CA ILE B 9 9.67 -15.52 -5.63
C ILE B 9 11.21 -15.59 -5.71
N LEU B 10 11.81 -14.84 -6.63
CA LEU B 10 13.28 -14.66 -6.65
C LEU B 10 13.67 -13.47 -5.79
N VAL B 11 14.66 -13.67 -4.91
CA VAL B 11 15.10 -12.63 -3.99
C VAL B 11 16.59 -12.32 -4.15
N THR B 12 16.93 -11.12 -4.64
CA THR B 12 18.34 -10.69 -4.66
C THR B 12 18.74 -9.97 -3.35
N GLY B 13 20.05 -9.96 -3.05
CA GLY B 13 20.56 -9.42 -1.78
C GLY B 13 20.00 -10.17 -0.59
N ALA B 14 19.79 -11.48 -0.79
CA ALA B 14 19.10 -12.35 0.17
C ALA B 14 19.90 -12.72 1.43
N ALA B 15 21.21 -12.47 1.41
CA ALA B 15 22.04 -12.62 2.61
C ALA B 15 22.05 -11.34 3.46
N SER B 16 21.59 -10.20 2.92
CA SER B 16 21.55 -8.93 3.65
C SER B 16 20.50 -8.96 4.75
N GLY B 17 20.62 -8.08 5.74
CA GLY B 17 19.62 -7.96 6.82
C GLY B 17 18.18 -8.00 6.29
N ILE B 18 17.83 -7.02 5.44
CA ILE B 18 16.50 -6.94 4.84
C ILE B 18 16.16 -8.14 3.95
N GLY B 19 17.12 -8.53 3.10
CA GLY B 19 17.00 -9.70 2.25
C GLY B 19 16.59 -10.94 3.03
N ARG B 20 17.27 -11.16 4.16
CA ARG B 20 17.06 -12.32 5.04
C ARG B 20 15.71 -12.30 5.76
N ALA B 21 15.29 -11.14 6.27
CA ALA B 21 13.96 -11.00 6.89
C ALA B 21 12.84 -11.33 5.88
N ALA B 22 13.03 -10.91 4.62
CA ALA B 22 12.13 -11.29 3.50
C ALA B 22 12.06 -12.80 3.26
N LEU B 23 13.21 -13.46 3.06
CA LEU B 23 13.24 -14.93 2.93
C LEU B 23 12.44 -15.65 4.02
N ASP B 24 12.63 -15.23 5.28
CA ASP B 24 11.95 -15.84 6.43
C ASP B 24 10.43 -15.61 6.41
N LEU B 25 10.02 -14.36 6.18
CA LEU B 25 8.59 -14.01 6.06
C LEU B 25 7.93 -14.66 4.85
N PHE B 26 8.57 -14.61 3.68
CA PHE B 26 8.00 -15.24 2.47
C PHE B 26 7.82 -16.75 2.64
N ALA B 27 8.79 -17.42 3.29
CA ALA B 27 8.69 -18.89 3.59
C ALA B 27 7.50 -19.25 4.52
N ARG B 28 7.32 -18.47 5.59
CA ARG B 28 6.19 -18.66 6.53
C ARG B 28 4.85 -18.42 5.85
N GLU B 29 4.86 -17.61 4.77
CA GLU B 29 3.65 -17.34 4.00
C GLU B 29 3.42 -18.31 2.81
N GLY B 30 4.26 -19.34 2.69
CA GLY B 30 4.03 -20.42 1.70
C GLY B 30 4.73 -20.33 0.35
N ALA B 31 5.64 -19.37 0.19
CA ALA B 31 6.37 -19.17 -1.07
C ALA B 31 7.54 -20.13 -1.23
N SER B 32 7.88 -20.39 -2.49
CA SER B 32 9.07 -21.12 -2.89
C SER B 32 10.04 -20.06 -3.33
N LEU B 33 11.32 -20.29 -3.07
CA LEU B 33 12.30 -19.22 -3.12
C LEU B 33 13.57 -19.52 -3.91
N VAL B 34 14.01 -18.52 -4.68
CA VAL B 34 15.33 -18.53 -5.30
C VAL B 34 16.10 -17.37 -4.67
N ALA B 35 17.03 -17.72 -3.77
CA ALA B 35 17.79 -16.74 -3.02
C ALA B 35 19.13 -16.47 -3.71
N VAL B 36 19.37 -15.20 -4.02
CA VAL B 36 20.53 -14.77 -4.81
C VAL B 36 21.33 -13.72 -4.05
N ASP B 37 22.65 -13.94 -4.00
CA ASP B 37 23.60 -12.98 -3.37
C ASP B 37 25.03 -13.28 -3.82
N ARG B 38 25.91 -12.29 -3.73
CA ARG B 38 27.34 -12.48 -4.11
C ARG B 38 28.16 -13.12 -2.99
N GLU B 39 27.70 -12.98 -1.75
CA GLU B 39 28.35 -13.54 -0.57
C GLU B 39 27.91 -14.99 -0.34
N GLU B 40 28.74 -15.90 -0.85
CA GLU B 40 28.56 -17.35 -0.81
C GLU B 40 28.31 -17.89 0.61
N ARG B 41 29.18 -17.50 1.54
CA ARG B 41 29.17 -17.99 2.93
C ARG B 41 27.86 -17.72 3.71
N LEU B 42 27.44 -16.46 3.74
CA LEU B 42 26.25 -16.04 4.49
C LEU B 42 24.95 -16.53 3.85
N LEU B 43 24.91 -16.58 2.52
CA LEU B 43 23.75 -17.05 1.76
C LEU B 43 23.46 -18.55 2.00
N ALA B 44 24.52 -19.34 2.10
CA ALA B 44 24.39 -20.78 2.39
C ALA B 44 23.74 -21.01 3.75
N GLU B 45 24.07 -20.14 4.70
CA GLU B 45 23.54 -20.18 6.05
C GLU B 45 22.07 -19.76 6.08
N ALA B 46 21.78 -18.65 5.38
CA ALA B 46 20.44 -18.06 5.27
C ALA B 46 19.38 -19.03 4.75
N VAL B 47 19.72 -19.81 3.73
CA VAL B 47 18.80 -20.76 3.08
C VAL B 47 18.65 -22.06 3.88
N ALA B 48 19.75 -22.54 4.48
CA ALA B 48 19.74 -23.76 5.30
C ALA B 48 18.69 -23.68 6.41
N ALA B 49 18.54 -22.48 6.98
CA ALA B 49 17.64 -22.22 8.11
C ALA B 49 16.17 -22.26 7.74
N LEU B 50 15.85 -22.10 6.45
CA LEU B 50 14.46 -22.09 5.97
C LEU B 50 13.74 -23.44 6.06
N GLU B 51 12.45 -23.38 6.35
CA GLU B 51 11.55 -24.53 6.28
C GLU B 51 10.61 -24.28 5.11
N ALA B 52 11.18 -24.35 3.91
CA ALA B 52 10.50 -24.04 2.66
C ALA B 52 11.30 -24.61 1.51
N GLU B 53 10.64 -24.77 0.36
CA GLU B 53 11.29 -25.13 -0.89
C GLU B 53 12.13 -23.96 -1.35
N ALA B 54 13.46 -24.10 -1.27
CA ALA B 54 14.37 -23.01 -1.59
C ALA B 54 15.67 -23.47 -2.25
N ILE B 55 16.21 -22.62 -3.13
CA ILE B 55 17.56 -22.79 -3.68
C ILE B 55 18.38 -21.53 -3.43
N ALA B 56 19.69 -21.69 -3.34
CA ALA B 56 20.61 -20.59 -3.19
C ALA B 56 21.41 -20.47 -4.48
N VAL B 57 21.55 -19.25 -5.00
CA VAL B 57 22.33 -19.02 -6.23
C VAL B 57 23.33 -17.90 -5.99
N VAL B 58 24.61 -18.25 -5.97
CA VAL B 58 25.72 -17.30 -5.88
C VAL B 58 25.86 -16.55 -7.21
N ALA B 59 25.74 -15.21 -7.17
CA ALA B 59 25.87 -14.37 -8.38
C ALA B 59 26.07 -12.86 -8.09
N ASP B 60 26.64 -12.18 -9.09
CA ASP B 60 26.83 -10.75 -9.13
C ASP B 60 25.80 -10.22 -10.12
N VAL B 61 24.73 -9.61 -9.58
CA VAL B 61 23.63 -9.18 -10.43
C VAL B 61 23.89 -7.90 -11.27
N SER B 62 25.10 -7.32 -11.12
CA SER B 62 25.58 -6.28 -12.07
C SER B 62 26.21 -6.85 -13.35
N ASP B 63 26.37 -8.16 -13.42
CA ASP B 63 26.96 -8.84 -14.59
C ASP B 63 25.85 -9.41 -15.47
N PRO B 64 25.71 -8.92 -16.72
CA PRO B 64 24.61 -9.34 -17.59
C PRO B 64 24.49 -10.86 -17.81
N LYS B 65 25.63 -11.56 -17.87
CA LYS B 65 25.63 -13.02 -18.05
C LYS B 65 25.16 -13.76 -16.79
N ALA B 66 25.52 -13.25 -15.62
CA ALA B 66 25.15 -13.88 -14.36
C ALA B 66 23.66 -13.73 -14.07
N VAL B 67 23.09 -12.57 -14.41
CA VAL B 67 21.63 -12.33 -14.33
C VAL B 67 20.85 -13.30 -15.24
N GLU B 68 21.34 -13.46 -16.47
CA GLU B 68 20.81 -14.40 -17.45
C GLU B 68 20.82 -15.83 -16.88
N ALA B 69 21.95 -16.22 -16.27
CA ALA B 69 22.09 -17.52 -15.58
C ALA B 69 21.15 -17.71 -14.38
N VAL B 70 21.06 -16.70 -13.50
CA VAL B 70 20.16 -16.68 -12.35
C VAL B 70 18.69 -16.98 -12.67
N PHE B 71 18.13 -16.27 -13.65
CA PHE B 71 16.74 -16.45 -14.02
C PHE B 71 16.45 -17.79 -14.74
N ALA B 72 17.42 -18.27 -15.53
CA ALA B 72 17.34 -19.60 -16.15
C ALA B 72 17.30 -20.73 -15.11
N GLU B 73 18.14 -20.64 -14.07
CA GLU B 73 18.14 -21.63 -12.98
C GLU B 73 16.82 -21.65 -12.21
N ALA B 74 16.26 -20.47 -11.92
CA ALA B 74 14.96 -20.33 -11.28
C ALA B 74 13.83 -21.03 -12.04
N LEU B 75 13.80 -20.83 -13.36
CA LEU B 75 12.77 -21.42 -14.22
C LEU B 75 12.97 -22.92 -14.39
N GLU B 76 14.22 -23.36 -14.53
CA GLU B 76 14.56 -24.79 -14.55
C GLU B 76 14.09 -25.54 -13.27
N GLU B 77 14.26 -24.92 -12.10
CA GLU B 77 13.89 -25.57 -10.82
C GLU B 77 12.38 -25.60 -10.52
N PHE B 78 11.72 -24.46 -10.68
CA PHE B 78 10.32 -24.29 -10.27
C PHE B 78 9.33 -24.07 -11.42
N GLY B 79 9.83 -24.01 -12.66
CA GLY B 79 9.00 -23.91 -13.86
C GLY B 79 8.43 -22.55 -14.25
N ARG B 80 8.07 -21.75 -13.24
CA ARG B 80 7.31 -20.52 -13.41
C ARG B 80 7.71 -19.54 -12.28
N LEU B 81 7.85 -18.25 -12.62
CA LEU B 81 8.20 -17.23 -11.63
C LEU B 81 7.07 -16.22 -11.48
N HIS B 82 6.64 -16.00 -10.23
CA HIS B 82 5.53 -15.14 -9.88
C HIS B 82 5.93 -13.76 -9.34
N GLY B 83 7.11 -13.65 -8.72
CA GLY B 83 7.59 -12.37 -8.20
C GLY B 83 9.11 -12.28 -8.10
N VAL B 84 9.59 -11.05 -8.02
CA VAL B 84 11.00 -10.72 -7.86
C VAL B 84 11.06 -9.59 -6.85
N ALA B 85 11.80 -9.80 -5.77
CA ALA B 85 12.05 -8.75 -4.81
C ALA B 85 13.54 -8.44 -4.88
N HIS B 86 13.87 -7.26 -5.43
CA HIS B 86 15.27 -6.88 -5.73
C HIS B 86 15.93 -6.02 -4.64
N PHE B 87 16.41 -6.69 -3.59
CA PHE B 87 17.04 -6.00 -2.47
C PHE B 87 18.50 -5.59 -2.67
N ALA B 88 19.16 -6.11 -3.72
CA ALA B 88 20.53 -5.70 -4.03
C ALA B 88 20.58 -4.24 -4.55
N GLY B 89 19.41 -3.66 -4.87
CA GLY B 89 19.31 -2.24 -5.20
C GLY B 89 19.71 -1.34 -4.04
N VAL B 90 19.78 -1.92 -2.84
CA VAL B 90 20.22 -1.23 -1.62
C VAL B 90 21.49 -1.88 -1.01
N ALA B 91 22.29 -2.56 -1.84
CA ALA B 91 23.49 -3.28 -1.38
C ALA B 91 24.59 -2.33 -0.90
N TRP B 104 31.46 5.94 -2.59
CA TRP B 104 30.00 5.82 -2.57
C TRP B 104 29.39 6.12 -3.94
N GLU B 105 30.13 6.85 -4.77
CA GLU B 105 29.69 7.23 -6.12
C GLU B 105 29.65 6.03 -7.06
N LYS B 106 30.73 5.24 -7.06
CA LYS B 106 30.85 4.10 -7.95
C LYS B 106 29.90 2.97 -7.55
N VAL B 107 29.70 2.81 -6.24
CA VAL B 107 28.83 1.75 -5.70
C VAL B 107 27.36 1.99 -6.12
N LEU B 108 26.93 3.25 -6.11
CA LEU B 108 25.58 3.65 -6.53
C LEU B 108 25.35 3.37 -8.02
N ARG B 109 26.39 3.61 -8.82
CA ARG B 109 26.33 3.39 -10.27
C ARG B 109 26.18 1.90 -10.60
N VAL B 110 26.90 1.06 -9.85
CA VAL B 110 26.89 -0.40 -10.02
C VAL B 110 25.54 -1.00 -9.60
N ASN B 111 24.98 -0.49 -8.50
CA ASN B 111 23.61 -0.84 -8.06
C ASN B 111 22.55 -0.47 -9.11
N LEU B 112 22.72 0.69 -9.76
CA LEU B 112 21.78 1.11 -10.80
C LEU B 112 21.83 0.15 -12.00
N THR B 113 23.05 -0.23 -12.38
CA THR B 113 23.29 -1.23 -13.45
C THR B 113 22.63 -2.58 -13.13
N GLY B 114 22.79 -3.06 -11.90
CA GLY B 114 22.11 -4.28 -11.44
C GLY B 114 20.59 -4.19 -11.42
N SER B 115 20.04 -3.04 -11.02
CA SER B 115 18.59 -2.79 -11.02
C SER B 115 18.03 -2.85 -12.44
N PHE B 116 18.73 -2.22 -13.37
CA PHE B 116 18.36 -2.26 -14.78
C PHE B 116 18.32 -3.71 -15.32
N LEU B 117 19.43 -4.43 -15.14
CA LEU B 117 19.55 -5.83 -15.62
C LEU B 117 18.55 -6.81 -14.96
N VAL B 118 18.39 -6.75 -13.65
CA VAL B 118 17.38 -7.61 -12.99
C VAL B 118 15.93 -7.25 -13.44
N ALA B 119 15.64 -5.95 -13.53
CA ALA B 119 14.30 -5.47 -13.94
C ALA B 119 13.91 -5.88 -15.35
N ARG B 120 14.83 -5.68 -16.30
CA ARG B 120 14.58 -6.08 -17.69
C ARG B 120 14.41 -7.60 -17.83
N LYS B 121 15.28 -8.39 -17.19
CA LYS B 121 15.11 -9.86 -17.20
C LYS B 121 13.82 -10.32 -16.51
N ALA B 122 13.50 -9.72 -15.35
CA ALA B 122 12.21 -10.02 -14.70
C ALA B 122 11.06 -9.70 -15.65
N GLY B 123 11.16 -8.58 -16.36
CA GLY B 123 10.11 -8.19 -17.29
C GLY B 123 9.83 -9.20 -18.37
N GLU B 124 10.88 -9.82 -18.92
CA GLU B 124 10.64 -10.79 -20.00
C GLU B 124 10.12 -12.14 -19.50
N VAL B 125 10.55 -12.52 -18.30
CA VAL B 125 10.32 -13.85 -17.72
C VAL B 125 9.05 -13.98 -16.83
N LEU B 126 8.63 -12.88 -16.22
CA LEU B 126 7.47 -12.93 -15.31
C LEU B 126 6.15 -13.12 -16.06
N GLU B 127 5.30 -13.96 -15.49
CA GLU B 127 4.00 -14.25 -16.09
C GLU B 127 2.92 -13.24 -15.67
N GLU B 128 1.80 -13.25 -16.41
CA GLU B 128 0.62 -12.45 -16.13
C GLU B 128 0.18 -12.49 -14.66
N GLY B 129 -0.02 -11.30 -14.08
CA GLY B 129 -0.31 -11.16 -12.64
C GLY B 129 0.95 -11.16 -11.77
N GLY B 130 2.13 -11.21 -12.39
CA GLY B 130 3.39 -11.26 -11.66
C GLY B 130 3.71 -9.91 -11.06
N SER B 131 4.73 -9.87 -10.20
CA SER B 131 5.03 -8.66 -9.46
C SER B 131 6.52 -8.45 -9.27
N LEU B 132 7.00 -7.29 -9.71
CA LEU B 132 8.39 -6.88 -9.57
C LEU B 132 8.50 -5.73 -8.57
N VAL B 133 9.27 -5.95 -7.50
CA VAL B 133 9.53 -4.95 -6.47
C VAL B 133 11.01 -4.61 -6.55
N LEU B 134 11.29 -3.36 -6.91
CA LEU B 134 12.64 -2.83 -6.92
C LEU B 134 12.87 -2.04 -5.64
N THR B 135 14.14 -1.71 -5.35
CA THR B 135 14.52 -0.93 -4.15
C THR B 135 15.46 0.25 -4.45
N GLY B 136 15.37 1.29 -3.63
CA GLY B 136 16.24 2.47 -3.75
C GLY B 136 16.66 3.08 -2.42
N LYS B 153 11.22 10.39 -12.75
CA LYS B 153 11.62 10.19 -14.13
C LYS B 153 13.03 9.62 -14.25
N LEU B 154 13.82 9.86 -13.21
CA LEU B 154 15.23 9.47 -13.15
C LEU B 154 15.48 8.39 -12.07
N GLY B 155 16.62 7.71 -12.16
CA GLY B 155 17.00 6.69 -11.19
C GLY B 155 16.08 5.45 -11.17
N VAL B 156 16.06 4.78 -10.03
CA VAL B 156 15.27 3.55 -9.82
C VAL B 156 13.75 3.78 -9.96
N VAL B 157 13.26 4.93 -9.51
CA VAL B 157 11.84 5.30 -9.62
C VAL B 157 11.44 5.50 -11.10
N GLY B 158 12.26 6.20 -11.86
CA GLY B 158 12.04 6.40 -13.29
C GLY B 158 12.08 5.09 -14.05
N LEU B 159 13.00 4.20 -13.66
CA LEU B 159 13.06 2.87 -14.26
C LEU B 159 11.78 2.08 -13.97
N ALA B 160 11.35 2.08 -12.71
CA ALA B 160 10.14 1.35 -12.31
C ALA B 160 8.90 1.84 -13.07
N ARG B 161 8.73 3.16 -13.18
CA ARG B 161 7.57 3.74 -13.85
C ARG B 161 7.53 3.50 -15.37
N THR B 162 8.71 3.53 -15.99
CA THR B 162 8.89 3.19 -17.41
C THR B 162 8.57 1.72 -17.67
N LEU B 163 9.07 0.82 -16.84
CA LEU B 163 8.76 -0.60 -16.97
C LEU B 163 7.30 -0.92 -16.58
N ALA B 164 6.75 -0.19 -15.60
CA ALA B 164 5.34 -0.36 -15.24
C ALA B 164 4.44 -0.17 -16.48
N LEU B 165 4.75 0.85 -17.30
CA LEU B 165 4.03 1.13 -18.56
C LEU B 165 4.25 0.09 -19.65
N GLU B 166 5.50 -0.34 -19.83
CA GLU B 166 5.84 -1.36 -20.83
C GLU B 166 5.17 -2.71 -20.54
N LEU B 167 5.18 -3.10 -19.26
CA LEU B 167 4.75 -4.46 -18.83
C LEU B 167 3.29 -4.63 -18.38
N ALA B 168 2.51 -3.54 -18.40
CA ALA B 168 1.11 -3.60 -18.00
C ALA B 168 0.28 -4.45 -18.98
N ARG B 169 0.76 -4.55 -20.22
CA ARG B 169 0.17 -5.40 -21.28
C ARG B 169 0.17 -6.86 -20.87
N LYS B 170 1.29 -7.30 -20.29
CA LYS B 170 1.42 -8.64 -19.71
C LYS B 170 0.68 -8.79 -18.37
N GLY B 171 0.20 -7.69 -17.80
CA GLY B 171 -0.39 -7.71 -16.45
C GLY B 171 0.65 -7.68 -15.32
N VAL B 172 1.93 -7.57 -15.66
CA VAL B 172 3.01 -7.51 -14.68
C VAL B 172 3.08 -6.10 -14.06
N ARG B 173 3.12 -6.08 -12.72
CA ARG B 173 3.13 -4.87 -11.93
C ARG B 173 4.57 -4.58 -11.53
N VAL B 174 4.93 -3.30 -11.51
CA VAL B 174 6.28 -2.89 -11.14
C VAL B 174 6.19 -1.76 -10.12
N ASN B 175 6.81 -1.95 -8.95
CA ASN B 175 6.73 -1.00 -7.86
C ASN B 175 8.08 -0.88 -7.16
N VAL B 176 8.27 0.21 -6.42
CA VAL B 176 9.54 0.48 -5.72
C VAL B 176 9.35 0.81 -4.25
N LEU B 177 10.19 0.20 -3.44
CA LEU B 177 10.26 0.36 -2.01
C LEU B 177 11.50 1.20 -1.72
N LEU B 178 11.36 2.22 -0.89
CA LEU B 178 12.46 3.12 -0.50
C LEU B 178 12.59 3.13 1.02
N PRO B 179 13.38 2.19 1.59
CA PRO B 179 13.59 2.20 3.06
C PRO B 179 14.31 3.44 3.53
N GLY B 180 14.05 3.86 4.76
CA GLY B 180 14.80 4.97 5.36
C GLY B 180 15.96 4.33 6.09
N LEU B 181 16.25 4.80 7.31
CA LEU B 181 17.32 4.24 8.11
C LEU B 181 16.82 2.99 8.79
N ILE B 182 17.43 1.86 8.46
CA ILE B 182 17.04 0.55 8.98
C ILE B 182 18.12 0.05 9.94
N GLN B 183 17.68 -0.43 11.11
CA GLN B 183 18.56 -0.89 12.19
C GLN B 183 19.53 -2.00 11.76
N ALA B 194 22.92 5.85 22.02
CA ALA B 194 22.73 4.87 20.94
C ALA B 194 21.26 4.75 20.53
N TRP B 195 20.42 4.31 21.47
CA TRP B 195 18.97 4.27 21.25
C TRP B 195 18.44 5.69 21.12
N GLU B 196 19.16 6.64 21.72
CA GLU B 196 18.77 8.03 21.76
C GLU B 196 19.04 8.70 20.42
N GLN B 197 20.19 8.39 19.83
CA GLN B 197 20.56 8.89 18.52
C GLN B 197 19.58 8.43 17.42
N GLU B 198 18.97 7.25 17.60
CA GLU B 198 17.98 6.72 16.64
C GLU B 198 16.64 7.47 16.65
N VAL B 199 16.35 8.17 17.76
CA VAL B 199 15.17 9.04 17.88
C VAL B 199 15.09 10.09 16.73
N GLY B 200 16.25 10.61 16.31
CA GLY B 200 16.30 11.62 15.25
C GLY B 200 16.31 11.08 13.82
N ALA B 201 16.11 9.76 13.68
CA ALA B 201 16.12 9.11 12.35
C ALA B 201 14.87 9.42 11.53
N SER B 202 13.74 9.66 12.21
CA SER B 202 12.46 9.91 11.53
C SER B 202 11.48 10.60 12.47
N PRO B 203 10.46 11.29 11.91
CA PRO B 203 9.38 11.83 12.76
C PRO B 203 8.82 10.85 13.78
N LEU B 204 8.70 9.56 13.43
CA LEU B 204 8.20 8.55 14.39
C LEU B 204 9.16 8.25 15.54
N GLY B 205 10.35 8.88 15.54
CA GLY B 205 11.28 8.77 16.66
C GLY B 205 11.96 7.41 16.81
N ARG B 206 12.26 6.77 15.68
CA ARG B 206 12.99 5.49 15.67
C ARG B 206 13.48 5.15 14.26
N ALA B 207 14.41 4.21 14.19
CA ALA B 207 14.84 3.58 12.96
C ALA B 207 13.87 2.45 12.64
N GLY B 208 13.81 2.06 11.38
CA GLY B 208 13.01 0.88 10.99
C GLY B 208 13.68 -0.45 11.26
N ARG B 209 12.89 -1.52 11.20
CA ARG B 209 13.39 -2.88 11.35
C ARG B 209 13.35 -3.55 9.98
N PRO B 210 14.34 -4.43 9.67
CA PRO B 210 14.42 -5.19 8.40
C PRO B 210 13.11 -5.90 8.07
N GLU B 211 12.47 -6.47 9.11
CA GLU B 211 11.18 -7.13 9.00
C GLU B 211 10.06 -6.21 8.47
N GLU B 212 10.19 -4.89 8.66
CA GLU B 212 9.14 -3.93 8.25
C GLU B 212 9.22 -3.64 6.76
N VAL B 213 10.44 -3.55 6.24
CA VAL B 213 10.66 -3.47 4.80
C VAL B 213 10.16 -4.76 4.13
N ALA B 214 10.47 -5.92 4.73
CA ALA B 214 10.05 -7.24 4.23
C ALA B 214 8.51 -7.39 4.14
N GLN B 215 7.84 -6.78 5.12
CA GLN B 215 6.39 -6.75 5.21
C GLN B 215 5.75 -5.90 4.10
N ALA B 216 6.40 -4.79 3.75
CA ALA B 216 5.95 -3.92 2.66
C ALA B 216 6.08 -4.68 1.35
N ALA B 217 7.19 -5.40 1.20
CA ALA B 217 7.47 -6.19 -0.02
C ALA B 217 6.45 -7.31 -0.20
N LEU B 218 6.05 -7.95 0.90
CA LEU B 218 5.03 -9.02 0.89
C LEU B 218 3.69 -8.49 0.35
N PHE B 219 3.27 -7.34 0.88
CA PHE B 219 2.05 -6.68 0.39
C PHE B 219 2.09 -6.54 -1.13
N LEU B 220 3.21 -6.01 -1.65
CA LEU B 220 3.36 -5.69 -3.09
C LEU B 220 3.51 -6.92 -3.99
N LEU B 221 4.02 -8.02 -3.45
CA LEU B 221 4.15 -9.27 -4.19
C LEU B 221 2.84 -10.09 -4.20
N SER B 222 2.07 -9.98 -3.12
CA SER B 222 0.84 -10.75 -2.92
C SER B 222 -0.30 -10.32 -3.85
N GLU B 223 -1.38 -11.10 -3.88
CA GLU B 223 -2.59 -10.75 -4.65
C GLU B 223 -3.43 -9.63 -3.99
N GLU B 224 -3.03 -9.16 -2.82
CA GLU B 224 -3.69 -8.04 -2.11
C GLU B 224 -3.39 -6.69 -2.78
N SER B 225 -2.44 -6.66 -3.73
CA SER B 225 -2.05 -5.41 -4.35
C SER B 225 -2.11 -5.49 -5.88
N ALA B 226 -2.98 -6.36 -6.40
CA ALA B 226 -3.14 -6.61 -7.87
C ALA B 226 -3.40 -5.38 -8.74
N TYR B 227 -3.92 -4.30 -8.16
CA TYR B 227 -4.25 -3.11 -8.97
C TYR B 227 -3.31 -1.95 -8.69
N ILE B 228 -2.11 -2.24 -8.18
CA ILE B 228 -1.13 -1.22 -7.78
C ILE B 228 0.13 -1.44 -8.58
N THR B 229 0.43 -0.49 -9.45
CA THR B 229 1.64 -0.56 -10.24
C THR B 229 2.12 0.88 -10.43
N GLY B 230 3.44 1.04 -10.61
CA GLY B 230 4.14 2.34 -10.74
C GLY B 230 4.39 3.13 -9.46
N GLN B 231 4.16 2.51 -8.31
CA GLN B 231 4.17 3.17 -7.00
C GLN B 231 5.56 3.17 -6.34
N ALA B 232 5.91 4.29 -5.71
CA ALA B 232 7.11 4.43 -4.91
C ALA B 232 6.62 4.50 -3.49
N LEU B 233 6.95 3.49 -2.68
CA LEU B 233 6.46 3.41 -1.31
C LEU B 233 7.62 3.53 -0.34
N TYR B 234 7.63 4.62 0.40
CA TYR B 234 8.66 4.88 1.40
C TYR B 234 8.40 4.14 2.71
N VAL B 235 9.40 3.40 3.19
CA VAL B 235 9.29 2.72 4.51
C VAL B 235 10.33 3.37 5.43
N ASP B 236 10.03 4.60 5.86
CA ASP B 236 11.04 5.49 6.44
C ASP B 236 10.58 6.31 7.66
N GLY B 237 9.45 5.96 8.25
CA GLY B 237 8.93 6.65 9.42
C GLY B 237 8.59 8.12 9.20
N GLY B 238 8.47 8.53 7.94
CA GLY B 238 8.20 9.92 7.58
C GLY B 238 9.43 10.76 7.23
N ARG B 239 10.60 10.13 7.23
CA ARG B 239 11.89 10.82 7.01
C ARG B 239 11.94 11.73 5.77
N SER B 240 11.34 11.26 4.67
CA SER B 240 11.33 11.93 3.36
C SER B 240 10.24 13.00 3.17
N ILE B 241 9.38 13.19 4.17
CA ILE B 241 8.33 14.22 4.13
C ILE B 241 9.02 15.59 4.26
N VAL B 242 9.45 16.12 3.11
CA VAL B 242 10.17 17.40 3.06
C VAL B 242 9.55 18.40 2.08
UNK UNX C . -19.70 7.14 -3.52
UNK UNX D . -21.18 3.65 -4.01
UNK UNX E . -8.19 21.11 4.94
UNK UNX F . -0.30 25.68 5.73
UNK UNX G . -12.09 22.46 -2.66
UNK UNX H . -8.09 20.81 -2.86
UNK UNX I . -20.27 11.47 -16.25
UNK UNX J . 2.21 7.57 -9.57
UNK UNX K . 3.14 26.14 3.97
UNK UNX L . 4.65 31.49 -3.59
UNK UNX M . -28.21 3.92 15.99
UNK UNX N . -32.69 6.31 5.30
UNK UNX O . -14.82 13.28 -3.77
UNK UNX P . -9.47 17.82 -8.96
UNK UNX Q . -22.30 -5.62 20.40
UNK UNX R . 21.30 -3.96 -8.13
UNK UNX S . 19.52 -5.32 1.05
UNK UNX T . 17.74 5.38 -8.04
UNK UNX U . 11.38 -19.92 8.04
UNK UNX V . 21.86 11.84 23.04
UNK UNX W . 26.38 -5.66 -6.60
UNK UNX X . 25.00 -17.20 -18.70
UNK UNX Y . 21.11 2.54 11.98
UNK UNX Z . 18.89 -7.88 -18.39
UNK UNX AA . 15.77 -13.18 9.78
UNK UNX BA . 22.53 -5.92 6.10
UNK UNX CA . 16.66 -16.70 7.27
UNK UNX DA . 1.57 -20.57 4.52
#